data_4MPG
#
_entry.id   4MPG
#
_cell.length_a   93.550
_cell.length_b   93.550
_cell.length_c   119.073
_cell.angle_alpha   90.00
_cell.angle_beta   90.00
_cell.angle_gamma   120.00
#
_symmetry.space_group_name_H-M   'P 31 2 1'
#
loop_
_entity.id
_entity.type
_entity.pdbx_description
1 polymer 'Glutathione S-transferase theta-2'
2 non-polymer GLUTATHIONE
3 non-polymer 'UNKNOWN LIGAND'
4 non-polymer 'FORMIC ACID'
5 water water
#
_entity_poly.entity_id   1
_entity_poly.type   'polypeptide(L)'
_entity_poly.pdbx_seq_one_letter_code
;MHHHHHHSSGVDLGTENLYFQSMGLELFLDLVSQPSRAVYIFAKKNGIPLELRTVDLVKGQHKSKEFLQINSLGKLPTLK
DGDFILTESSAILIYLSCKYQTPDHWYPSDLQARARVHEYLGWHAD(CSO)IRGTFGIPLWVQVLGPLIGVQVPKEKVER
NRTAMDQALQWLEDKFLGDRPFLAGQQVTLADLMALEELMQPVALGYELFEGRPRLAAWRGRVEAFLGAELCQEAHSIIL
SILEQAAKKTLPTPSPEAYQAMLLRIARIP
;
_entity_poly.pdbx_strand_id   A,B
#
loop_
_chem_comp.id
_chem_comp.type
_chem_comp.name
_chem_comp.formula
FMT non-polymer 'FORMIC ACID' 'C H2 O2'
GSH non-polymer GLUTATHIONE 'C10 H17 N3 O6 S'
UNL non-polymer 'UNKNOWN LIGAND' ?
#
# COMPACT_ATOMS: atom_id res chain seq x y z
N GLY A 24 3.28 28.59 -10.49
CA GLY A 24 2.05 28.04 -9.86
C GLY A 24 1.98 26.52 -9.88
N LEU A 25 1.32 25.97 -8.88
CA LEU A 25 1.14 24.53 -8.78
C LEU A 25 0.19 24.01 -9.85
N GLU A 26 0.50 22.83 -10.38
CA GLU A 26 -0.37 22.15 -11.33
C GLU A 26 -0.70 20.77 -10.80
N LEU A 27 -1.98 20.41 -10.84
CA LEU A 27 -2.44 19.08 -10.46
C LEU A 27 -3.03 18.42 -11.69
N PHE A 28 -2.40 17.33 -12.11
CA PHE A 28 -2.89 16.51 -13.20
C PHE A 28 -3.77 15.43 -12.58
N LEU A 29 -5.01 15.33 -13.04
CA LEU A 29 -5.98 14.46 -12.41
C LEU A 29 -7.17 14.13 -13.31
N ASP A 30 -7.94 13.13 -12.89
CA ASP A 30 -9.23 12.80 -13.50
C ASP A 30 -10.15 12.41 -12.36
N LEU A 31 -11.30 13.05 -12.24
CA LEU A 31 -12.13 12.81 -11.07
C LEU A 31 -12.84 11.46 -11.08
N VAL A 32 -12.65 10.70 -12.15
CA VAL A 32 -13.05 9.30 -12.14
C VAL A 32 -12.14 8.49 -11.20
N SER A 33 -10.93 9.01 -10.92
CA SER A 33 -9.91 8.33 -10.15
C SER A 33 -10.02 8.66 -8.65
N GLN A 34 -9.97 7.63 -7.81
CA GLN A 34 -10.16 7.77 -6.36
C GLN A 34 -9.09 8.67 -5.72
N PRO A 35 -7.79 8.36 -5.94
CA PRO A 35 -6.75 9.22 -5.35
C PRO A 35 -6.71 10.64 -5.91
N SER A 36 -7.06 10.81 -7.18
CA SER A 36 -7.29 12.12 -7.79
C SER A 36 -8.33 12.91 -7.00
N ARG A 37 -9.46 12.28 -6.68
CA ARG A 37 -10.52 12.92 -5.91
C ARG A 37 -10.05 13.28 -4.50
N ALA A 38 -9.29 12.40 -3.86
CA ALA A 38 -8.78 12.69 -2.52
C ALA A 38 -7.95 13.97 -2.49
N VAL A 39 -7.07 14.12 -3.48
CA VAL A 39 -6.21 15.31 -3.54
C VAL A 39 -6.99 16.57 -3.90
N TYR A 40 -7.91 16.44 -4.85
CA TYR A 40 -8.78 17.52 -5.27
C TYR A 40 -9.50 18.09 -4.03
N ILE A 41 -10.14 17.20 -3.27
CA ILE A 41 -10.89 17.57 -2.08
C ILE A 41 -10.01 18.30 -1.06
N PHE A 42 -8.83 17.77 -0.79
CA PHE A 42 -7.92 18.36 0.21
C PHE A 42 -7.53 19.78 -0.17
N ALA A 43 -7.16 19.95 -1.44
CA ALA A 43 -6.78 21.25 -1.96
C ALA A 43 -7.94 22.23 -1.93
N LYS A 44 -9.11 21.82 -2.42
CA LYS A 44 -10.28 22.71 -2.46
C LYS A 44 -10.69 23.12 -1.06
N LYS A 45 -10.76 22.15 -0.14
CA LYS A 45 -11.19 22.41 1.22
C LYS A 45 -10.26 23.39 1.93
N ASN A 46 -8.96 23.32 1.62
CA ASN A 46 -7.97 24.20 2.23
C ASN A 46 -7.65 25.44 1.43
N GLY A 47 -8.33 25.63 0.29
CA GLY A 47 -8.10 26.79 -0.57
C GLY A 47 -6.68 26.91 -1.10
N ILE A 48 -6.05 25.79 -1.43
CA ILE A 48 -4.72 25.79 -2.01
C ILE A 48 -4.90 26.11 -3.50
N PRO A 49 -4.25 27.18 -4.00
CA PRO A 49 -4.45 27.52 -5.41
C PRO A 49 -3.71 26.58 -6.35
N LEU A 50 -4.44 25.69 -7.01
CA LEU A 50 -3.88 24.77 -7.99
C LEU A 50 -4.43 25.08 -9.39
N GLU A 51 -3.57 24.95 -10.39
CA GLU A 51 -4.03 24.83 -11.76
C GLU A 51 -4.41 23.35 -12.00
N LEU A 52 -5.71 23.07 -12.06
CA LEU A 52 -6.24 21.75 -12.39
C LEU A 52 -6.02 21.44 -13.87
N ARG A 53 -5.37 20.31 -14.15
CA ARG A 53 -5.09 19.88 -15.52
CA ARG A 53 -5.10 19.89 -15.53
C ARG A 53 -5.72 18.51 -15.72
N THR A 54 -6.85 18.46 -16.41
CA THR A 54 -7.57 17.19 -16.60
C THR A 54 -6.79 16.32 -17.56
N VAL A 55 -6.62 15.06 -17.18
CA VAL A 55 -5.96 14.06 -18.02
C VAL A 55 -6.94 12.89 -18.08
N ASP A 56 -7.50 12.67 -19.26
CA ASP A 56 -8.63 11.77 -19.43
C ASP A 56 -8.15 10.32 -19.47
N LEU A 57 -8.37 9.60 -18.38
CA LEU A 57 -7.89 8.22 -18.23
C LEU A 57 -8.52 7.27 -19.20
N VAL A 58 -9.85 7.34 -19.36
CA VAL A 58 -10.53 6.38 -20.25
C VAL A 58 -10.02 6.55 -21.69
N LYS A 59 -9.82 7.79 -22.12
CA LYS A 59 -9.24 8.08 -23.43
C LYS A 59 -7.79 7.60 -23.57
N GLY A 60 -6.99 7.67 -22.49
CA GLY A 60 -5.56 7.29 -22.54
C GLY A 60 -4.58 8.45 -22.51
N GLN A 61 -5.03 9.65 -22.18
CA GLN A 61 -4.14 10.82 -22.14
C GLN A 61 -3.01 10.66 -21.12
N HIS A 62 -3.22 9.81 -20.12
CA HIS A 62 -2.15 9.49 -19.17
C HIS A 62 -0.98 8.72 -19.78
N LYS A 63 -1.20 8.11 -20.94
CA LYS A 63 -0.14 7.40 -21.65
C LYS A 63 0.32 8.16 -22.89
N SER A 64 -0.17 9.39 -23.08
CA SER A 64 0.29 10.24 -24.17
C SER A 64 1.74 10.61 -23.95
N LYS A 65 2.42 10.96 -25.03
CA LYS A 65 3.83 11.33 -24.94
C LYS A 65 4.06 12.55 -24.05
N GLU A 66 3.14 13.51 -24.08
CA GLU A 66 3.32 14.76 -23.32
C GLU A 66 3.14 14.52 -21.82
N PHE A 67 2.18 13.68 -21.44
CA PHE A 67 2.06 13.39 -20.02
C PHE A 67 3.18 12.48 -19.51
N LEU A 68 3.64 11.54 -20.32
CA LEU A 68 4.79 10.71 -19.94
C LEU A 68 6.06 11.54 -19.75
N GLN A 69 6.13 12.71 -20.40
CA GLN A 69 7.23 13.65 -20.18
C GLN A 69 7.14 14.29 -18.80
N ILE A 70 5.95 14.24 -18.19
CA ILE A 70 5.72 14.76 -16.84
C ILE A 70 5.86 13.67 -15.77
N ASN A 71 5.14 12.57 -15.93
CA ASN A 71 5.25 11.39 -15.06
C ASN A 71 5.46 10.17 -15.93
N SER A 72 6.70 9.67 -15.97
CA SER A 72 7.08 8.52 -16.79
C SER A 72 6.27 7.26 -16.46
N LEU A 73 5.73 7.19 -15.23
CA LEU A 73 4.85 6.10 -14.84
C LEU A 73 3.47 6.21 -15.48
N GLY A 74 3.09 7.40 -15.93
CA GLY A 74 1.80 7.57 -16.60
C GLY A 74 0.60 7.27 -15.72
N LYS A 75 0.64 7.82 -14.51
CA LYS A 75 -0.41 7.62 -13.53
C LYS A 75 -0.86 8.94 -12.89
N LEU A 76 -2.11 8.94 -12.45
CA LEU A 76 -2.75 10.07 -11.79
C LEU A 76 -3.15 9.75 -10.35
N PRO A 77 -3.12 10.76 -9.48
CA PRO A 77 -2.77 12.15 -9.74
C PRO A 77 -1.27 12.39 -9.73
N THR A 78 -0.86 13.46 -10.40
CA THR A 78 0.51 13.94 -10.37
C THR A 78 0.53 15.45 -10.08
N LEU A 79 1.43 15.87 -9.19
CA LEU A 79 1.62 17.27 -8.83
C LEU A 79 2.90 17.79 -9.45
N LYS A 80 2.84 19.01 -9.99
CA LYS A 80 4.01 19.70 -10.50
C LYS A 80 4.15 21.04 -9.79
N ASP A 81 5.20 21.17 -8.98
CA ASP A 81 5.51 22.39 -8.25
C ASP A 81 6.82 22.96 -8.79
N GLY A 82 6.73 23.81 -9.80
CA GLY A 82 7.93 24.26 -10.52
C GLY A 82 8.47 23.07 -11.28
N ASP A 83 9.77 22.80 -11.16
CA ASP A 83 10.34 21.64 -11.83
C ASP A 83 10.39 20.40 -10.91
N PHE A 84 9.73 20.47 -9.75
CA PHE A 84 9.57 19.32 -8.85
C PHE A 84 8.27 18.57 -9.14
N ILE A 85 8.41 17.35 -9.63
CA ILE A 85 7.27 16.53 -9.99
C ILE A 85 7.08 15.40 -8.98
N LEU A 86 5.88 15.32 -8.41
CA LEU A 86 5.60 14.38 -7.33
C LEU A 86 4.38 13.53 -7.65
N THR A 87 4.52 12.21 -7.49
CA THR A 87 3.39 11.28 -7.62
C THR A 87 2.98 10.72 -6.26
N GLU A 88 1.91 9.92 -6.29
CA GLU A 88 1.34 9.26 -5.12
C GLU A 88 0.51 10.21 -4.25
N SER A 89 -0.79 9.92 -4.15
CA SER A 89 -1.73 10.79 -3.47
C SER A 89 -1.34 11.00 -2.00
N SER A 90 -0.94 9.93 -1.32
CA SER A 90 -0.51 10.03 0.07
C SER A 90 0.63 11.05 0.22
N ALA A 91 1.64 10.95 -0.64
CA ALA A 91 2.81 11.83 -0.62
C ALA A 91 2.47 13.27 -1.01
N ILE A 92 1.63 13.42 -2.02
CA ILE A 92 1.13 14.74 -2.45
C ILE A 92 0.33 15.40 -1.31
N LEU A 93 -0.56 14.64 -0.67
CA LEU A 93 -1.36 15.18 0.43
C LEU A 93 -0.51 15.69 1.59
N ILE A 94 0.52 14.92 1.94
CA ILE A 94 1.45 15.30 3.01
C ILE A 94 2.28 16.51 2.61
N TYR A 95 2.75 16.50 1.38
CA TYR A 95 3.57 17.59 0.83
C TYR A 95 2.82 18.93 0.90
N LEU A 96 1.58 18.92 0.41
CA LEU A 96 0.70 20.08 0.44
C LEU A 96 0.39 20.53 1.86
N SER A 97 0.26 19.56 2.77
CA SER A 97 -0.12 19.84 4.15
C SER A 97 0.99 20.66 4.81
N CYS A 98 2.24 20.29 4.52
CA CYS A 98 3.39 21.00 5.06
C CYS A 98 3.66 22.29 4.29
N LYS A 99 3.65 22.21 2.96
CA LYS A 99 3.89 23.38 2.09
C LYS A 99 3.00 24.58 2.47
N TYR A 100 1.71 24.31 2.61
CA TYR A 100 0.70 25.35 2.85
C TYR A 100 0.24 25.43 4.30
N GLN A 101 0.89 24.66 5.16
CA GLN A 101 0.67 24.73 6.61
C GLN A 101 -0.82 24.73 6.95
N THR A 102 -1.47 23.65 6.54
CA THR A 102 -2.90 23.43 6.77
C THR A 102 -3.16 23.08 8.24
N PRO A 103 -4.43 23.22 8.70
CA PRO A 103 -4.77 22.90 10.10
C PRO A 103 -4.18 21.55 10.58
N ASP A 104 -3.49 21.57 11.71
CA ASP A 104 -2.70 20.43 12.18
C ASP A 104 -3.47 19.10 12.19
N HIS A 105 -4.77 19.17 12.40
CA HIS A 105 -5.55 17.97 12.59
C HIS A 105 -5.48 17.04 11.37
N TRP A 106 -5.36 17.59 10.18
CA TRP A 106 -5.32 16.76 8.99
C TRP A 106 -4.16 15.81 9.06
N TYR A 107 -3.01 16.33 9.47
CA TYR A 107 -1.79 15.53 9.54
C TYR A 107 -1.07 15.83 10.85
N PRO A 108 -1.66 15.34 12.01
CA PRO A 108 -1.08 15.87 13.25
C PRO A 108 0.39 15.59 13.52
N SER A 109 1.06 16.59 14.08
CA SER A 109 2.47 16.52 14.47
C SER A 109 2.76 15.55 15.62
N ASP A 110 1.78 15.36 16.50
CA ASP A 110 1.99 14.52 17.66
C ASP A 110 2.40 13.12 17.21
N LEU A 111 3.37 12.55 17.90
CA LEU A 111 4.02 11.33 17.45
C LEU A 111 3.05 10.16 17.24
N GLN A 112 2.16 9.92 18.20
CA GLN A 112 1.22 8.80 18.10
C GLN A 112 0.06 9.06 17.16
N ALA A 113 -0.45 10.29 17.17
CA ALA A 113 -1.53 10.67 16.27
C ALA A 113 -1.05 10.60 14.83
N ARG A 114 0.19 11.02 14.59
CA ARG A 114 0.78 10.89 13.26
C ARG A 114 0.91 9.42 12.83
N ALA A 115 1.42 8.59 13.71
CA ALA A 115 1.59 7.16 13.40
C ALA A 115 0.28 6.50 13.04
N ARG A 116 -0.79 6.90 13.71
CA ARG A 116 -2.11 6.36 13.38
C ARG A 116 -2.50 6.68 11.94
N VAL A 117 -2.08 7.85 11.47
CA VAL A 117 -2.35 8.24 10.09
C VAL A 117 -1.52 7.40 9.13
N HIS A 118 -0.22 7.30 9.38
CA HIS A 118 0.63 6.47 8.55
C HIS A 118 0.22 5.00 8.60
N GLU A 119 -0.18 4.53 9.77
CA GLU A 119 -0.67 3.16 9.92
C GLU A 119 -1.86 2.95 8.98
N TYR A 120 -2.82 3.87 8.98
CA TYR A 120 -3.98 3.70 8.12
C TYR A 120 -3.56 3.71 6.65
N LEU A 121 -2.69 4.65 6.27
CA LEU A 121 -2.28 4.77 4.89
C LEU A 121 -1.61 3.50 4.37
N GLY A 122 -0.79 2.86 5.22
CA GLY A 122 -0.12 1.62 4.81
C GLY A 122 -1.12 0.48 4.65
N TRP A 123 -2.03 0.34 5.59
CA TRP A 123 -3.06 -0.70 5.52
C TRP A 123 -3.97 -0.47 4.30
N HIS A 124 -4.38 0.78 4.11
CA HIS A 124 -5.15 1.21 2.94
C HIS A 124 -4.55 0.73 1.62
N ALA A 125 -3.24 0.91 1.48
CA ALA A 125 -2.54 0.54 0.26
C ALA A 125 -2.57 -0.97 0.02
N ASP A 126 -2.59 -1.76 1.10
CA ASP A 126 -2.77 -3.21 1.01
C ASP A 126 -4.21 -3.69 0.80
N CSO A 127 -5.15 -3.15 1.56
CA CSO A 127 -6.45 -3.82 1.68
CB CSO A 127 -6.75 -4.00 3.18
SG CSO A 127 -5.68 -5.21 3.93
C CSO A 127 -7.58 -3.07 1.01
O CSO A 127 -8.67 -3.62 0.83
OD CSO A 127 -6.02 -6.71 3.10
N ILE A 128 -7.38 -1.79 0.71
CA ILE A 128 -8.43 -0.99 0.10
C ILE A 128 -8.08 -0.70 -1.37
N ARG A 129 -6.94 -0.08 -1.59
CA ARG A 129 -6.50 0.26 -2.93
C ARG A 129 -6.25 -1.03 -3.70
N GLY A 130 -6.89 -1.16 -4.86
CA GLY A 130 -6.76 -2.33 -5.69
C GLY A 130 -7.90 -3.30 -5.52
N THR A 131 -8.63 -3.18 -4.42
CA THR A 131 -9.79 -4.01 -4.17
C THR A 131 -11.08 -3.23 -4.45
N PHE A 132 -11.18 -2.00 -3.96
CA PHE A 132 -12.45 -1.28 -4.07
C PHE A 132 -12.73 -0.74 -5.48
N GLY A 133 -11.70 -0.58 -6.30
CA GLY A 133 -11.89 -0.06 -7.66
C GLY A 133 -12.36 -1.10 -8.67
N ILE A 134 -12.28 -2.37 -8.30
CA ILE A 134 -12.60 -3.46 -9.22
C ILE A 134 -14.00 -3.36 -9.90
N PRO A 135 -15.06 -2.96 -9.17
CA PRO A 135 -16.37 -2.91 -9.83
C PRO A 135 -16.46 -2.00 -11.09
N LEU A 136 -15.65 -0.96 -11.16
CA LEU A 136 -15.64 -0.12 -12.37
C LEU A 136 -15.11 -0.92 -13.55
N TRP A 137 -14.16 -1.81 -13.27
CA TRP A 137 -13.59 -2.67 -14.30
C TRP A 137 -14.59 -3.74 -14.71
N VAL A 138 -15.30 -4.27 -13.73
CA VAL A 138 -16.32 -5.28 -13.99
C VAL A 138 -17.45 -4.71 -14.81
N GLN A 139 -17.94 -3.54 -14.42
CA GLN A 139 -19.18 -3.03 -14.98
C GLN A 139 -18.99 -2.10 -16.17
N VAL A 140 -17.89 -1.38 -16.22
CA VAL A 140 -17.73 -0.36 -17.26
C VAL A 140 -16.50 -0.59 -18.17
N LEU A 141 -15.30 -0.60 -17.60
CA LEU A 141 -14.07 -0.54 -18.39
C LEU A 141 -13.71 -1.82 -19.16
N GLY A 142 -13.86 -2.97 -18.52
CA GLY A 142 -13.72 -4.24 -19.23
C GLY A 142 -14.65 -4.35 -20.43
N PRO A 143 -15.97 -4.27 -20.20
CA PRO A 143 -16.93 -4.31 -21.31
C PRO A 143 -16.65 -3.32 -22.44
N LEU A 144 -16.17 -2.12 -22.08
CA LEU A 144 -15.81 -1.10 -23.07
C LEU A 144 -14.85 -1.64 -24.13
N ILE A 145 -13.95 -2.54 -23.73
CA ILE A 145 -12.93 -3.07 -24.65
C ILE A 145 -13.13 -4.57 -24.92
N GLY A 146 -14.32 -5.04 -24.59
CA GLY A 146 -14.77 -6.38 -24.97
C GLY A 146 -14.37 -7.47 -24.02
N VAL A 147 -14.02 -7.14 -22.78
CA VAL A 147 -13.49 -8.13 -21.81
C VAL A 147 -14.41 -8.23 -20.60
N GLN A 148 -14.86 -9.45 -20.30
CA GLN A 148 -15.68 -9.66 -19.11
C GLN A 148 -14.82 -10.14 -17.97
N VAL A 149 -15.12 -9.68 -16.76
CA VAL A 149 -14.46 -10.22 -15.58
C VAL A 149 -15.23 -11.45 -15.14
N PRO A 150 -14.56 -12.61 -15.02
CA PRO A 150 -15.32 -13.80 -14.61
C PRO A 150 -16.03 -13.63 -13.27
N LYS A 151 -17.21 -14.20 -13.21
CA LYS A 151 -18.08 -14.23 -12.02
C LYS A 151 -17.35 -14.61 -10.74
N GLU A 152 -16.48 -15.66 -10.81
CA GLU A 152 -15.69 -16.12 -9.68
C GLU A 152 -14.92 -14.95 -9.06
N LYS A 153 -14.34 -14.09 -9.91
CA LYS A 153 -13.51 -13.02 -9.42
C LYS A 153 -14.34 -11.91 -8.82
N VAL A 154 -15.51 -11.68 -9.40
CA VAL A 154 -16.43 -10.67 -8.91
C VAL A 154 -16.90 -11.02 -7.50
N GLU A 155 -17.22 -12.29 -7.29
CA GLU A 155 -17.63 -12.77 -5.96
C GLU A 155 -16.50 -12.74 -4.94
N ARG A 156 -15.30 -13.14 -5.35
CA ARG A 156 -14.15 -13.05 -4.46
C ARG A 156 -13.93 -11.58 -4.05
N ASN A 157 -14.04 -10.69 -5.02
CA ASN A 157 -13.90 -9.25 -4.75
C ASN A 157 -14.93 -8.72 -3.77
N ARG A 158 -16.19 -9.12 -3.93
CA ARG A 158 -17.28 -8.73 -3.03
CA ARG A 158 -17.24 -8.68 -3.01
C ARG A 158 -16.96 -9.16 -1.59
N THR A 159 -16.50 -10.41 -1.45
CA THR A 159 -16.09 -10.93 -0.15
C THR A 159 -14.93 -10.14 0.44
N ALA A 160 -14.00 -9.75 -0.41
CA ALA A 160 -12.82 -9.02 0.04
C ALA A 160 -13.19 -7.61 0.48
N MET A 161 -14.06 -6.95 -0.29
CA MET A 161 -14.56 -5.64 0.15
C MET A 161 -15.21 -5.75 1.53
N ASP A 162 -16.07 -6.76 1.72
CA ASP A 162 -16.78 -6.91 2.99
C ASP A 162 -15.86 -7.18 4.17
N GLN A 163 -14.83 -8.02 3.99
CA GLN A 163 -13.81 -8.19 5.04
C GLN A 163 -13.07 -6.90 5.38
N ALA A 164 -12.72 -6.12 4.35
CA ALA A 164 -11.98 -4.86 4.55
C ALA A 164 -12.84 -3.82 5.28
N LEU A 165 -14.12 -3.74 4.90
CA LEU A 165 -15.07 -2.86 5.59
C LEU A 165 -15.17 -3.22 7.06
N GLN A 166 -15.22 -4.51 7.35
CA GLN A 166 -15.29 -4.98 8.71
C GLN A 166 -14.08 -4.51 9.55
N TRP A 167 -12.88 -4.58 8.96
CA TRP A 167 -11.67 -4.08 9.63
C TRP A 167 -11.68 -2.56 9.82
N LEU A 168 -12.19 -1.86 8.81
CA LEU A 168 -12.38 -0.43 8.88
C LEU A 168 -13.19 -0.07 10.13
N GLU A 169 -14.30 -0.79 10.33
CA GLU A 169 -15.18 -0.56 11.47
C GLU A 169 -14.61 -1.05 12.79
N ASP A 170 -13.99 -2.23 12.80
CA ASP A 170 -13.55 -2.83 14.07
C ASP A 170 -12.20 -2.31 14.53
N LYS A 171 -11.25 -2.25 13.62
CA LYS A 171 -9.89 -1.85 14.00
C LYS A 171 -9.68 -0.34 13.92
N PHE A 172 -10.12 0.31 12.85
CA PHE A 172 -9.76 1.71 12.66
C PHE A 172 -10.77 2.63 13.33
N LEU A 173 -12.05 2.58 12.94
CA LEU A 173 -13.07 3.41 13.59
C LEU A 173 -13.28 3.04 15.05
N GLY A 174 -13.64 1.78 15.30
CA GLY A 174 -14.02 1.37 16.63
C GLY A 174 -15.27 2.16 16.98
N ASP A 175 -15.35 2.65 18.21
CA ASP A 175 -16.44 3.56 18.58
C ASP A 175 -15.99 5.03 18.53
N ARG A 176 -14.90 5.32 17.79
CA ARG A 176 -14.38 6.68 17.59
C ARG A 176 -15.00 7.33 16.33
N PRO A 177 -14.94 8.67 16.23
CA PRO A 177 -15.61 9.38 15.12
C PRO A 177 -14.90 9.28 13.75
N PHE A 178 -13.58 9.14 13.73
CA PHE A 178 -12.83 9.07 12.47
C PHE A 178 -11.84 7.91 12.48
N LEU A 179 -11.16 7.69 11.34
CA LEU A 179 -10.35 6.49 11.12
C LEU A 179 -9.03 6.46 11.87
N ALA A 180 -8.47 7.64 12.10
CA ALA A 180 -7.21 7.78 12.83
C ALA A 180 -7.34 8.74 14.04
N GLY A 181 -8.53 8.82 14.63
CA GLY A 181 -8.71 9.53 15.89
C GLY A 181 -10.01 10.31 15.99
N GLN A 182 -9.94 11.42 16.71
CA GLN A 182 -11.10 12.25 17.03
C GLN A 182 -11.44 13.28 15.97
N GLN A 183 -10.49 13.57 15.07
CA GLN A 183 -10.73 14.50 13.99
C GLN A 183 -10.41 13.90 12.63
N VAL A 184 -10.92 14.58 11.60
CA VAL A 184 -10.72 14.15 10.22
C VAL A 184 -9.25 14.34 9.84
N THR A 185 -8.67 13.30 9.24
CA THR A 185 -7.30 13.32 8.75
C THR A 185 -7.28 12.89 7.27
N LEU A 186 -6.10 12.95 6.69
CA LEU A 186 -5.85 12.43 5.36
C LEU A 186 -6.39 11.00 5.18
N ALA A 187 -6.35 10.20 6.24
CA ALA A 187 -6.83 8.82 6.18
C ALA A 187 -8.29 8.75 5.75
N ASP A 188 -9.11 9.63 6.32
CA ASP A 188 -10.54 9.60 6.04
C ASP A 188 -10.83 9.96 4.58
N LEU A 189 -10.04 10.90 4.06
CA LEU A 189 -10.19 11.39 2.70
C LEU A 189 -9.89 10.29 1.70
N MET A 190 -8.82 9.56 1.95
CA MET A 190 -8.36 8.46 1.09
CA MET A 190 -8.45 8.54 1.01
C MET A 190 -9.37 7.33 1.13
N ALA A 191 -9.82 6.99 2.33
CA ALA A 191 -10.79 5.92 2.51
C ALA A 191 -12.13 6.23 1.83
N LEU A 192 -12.65 7.42 2.07
CA LEU A 192 -13.96 7.80 1.54
C LEU A 192 -13.98 7.72 0.00
N GLU A 193 -12.92 8.22 -0.64
CA GLU A 193 -12.89 8.26 -2.09
C GLU A 193 -12.72 6.87 -2.76
N GLU A 194 -12.06 5.93 -2.09
CA GLU A 194 -12.03 4.55 -2.59
C GLU A 194 -13.41 3.91 -2.41
N LEU A 195 -14.02 4.13 -1.25
CA LEU A 195 -15.33 3.55 -0.99
C LEU A 195 -16.43 4.10 -1.92
N MET A 196 -16.31 5.37 -2.33
CA MET A 196 -17.24 5.93 -3.32
C MET A 196 -17.23 5.22 -4.68
N GLN A 197 -16.14 4.54 -5.04
CA GLN A 197 -16.08 3.94 -6.37
C GLN A 197 -17.17 2.87 -6.52
N PRO A 198 -17.24 1.88 -5.61
CA PRO A 198 -18.36 0.92 -5.72
C PRO A 198 -19.73 1.52 -5.44
N VAL A 199 -19.78 2.47 -4.51
CA VAL A 199 -21.04 3.13 -4.21
C VAL A 199 -21.66 3.73 -5.47
N ALA A 200 -20.82 4.40 -6.27
CA ALA A 200 -21.24 5.04 -7.52
C ALA A 200 -21.75 4.03 -8.53
N LEU A 201 -21.31 2.78 -8.38
CA LEU A 201 -21.67 1.72 -9.28
C LEU A 201 -22.77 0.82 -8.71
N GLY A 202 -23.46 1.28 -7.66
CA GLY A 202 -24.65 0.60 -7.14
C GLY A 202 -24.45 -0.34 -5.97
N TYR A 203 -23.21 -0.53 -5.52
CA TYR A 203 -22.96 -1.30 -4.31
C TYR A 203 -23.27 -0.43 -3.10
N GLU A 204 -24.34 -0.76 -2.38
CA GLU A 204 -24.73 0.04 -1.19
C GLU A 204 -23.97 -0.51 0.03
N LEU A 205 -22.67 -0.20 0.10
CA LEU A 205 -21.80 -0.81 1.10
CA LEU A 205 -21.74 -0.76 1.09
C LEU A 205 -21.97 -0.25 2.50
N PHE A 206 -22.65 0.88 2.64
CA PHE A 206 -22.97 1.45 3.97
C PHE A 206 -24.22 0.86 4.60
N GLU A 207 -24.99 0.10 3.82
CA GLU A 207 -26.18 -0.56 4.35
C GLU A 207 -25.76 -1.59 5.39
N GLY A 208 -26.44 -1.57 6.54
N GLY A 208 -26.43 -1.57 6.55
CA GLY A 208 -26.19 -2.54 7.62
CA GLY A 208 -26.12 -2.51 7.64
C GLY A 208 -24.99 -2.20 8.50
C GLY A 208 -24.79 -2.22 8.34
N ARG A 209 -24.25 -1.15 8.15
N ARG A 209 -24.26 -1.03 8.15
CA ARG A 209 -23.04 -0.82 8.88
CA ARG A 209 -22.99 -0.69 8.78
C ARG A 209 -23.13 0.57 9.52
C ARG A 209 -23.09 0.66 9.48
N PRO A 210 -23.79 0.67 10.68
N PRO A 210 -23.77 0.71 10.63
CA PRO A 210 -24.05 1.99 11.23
CA PRO A 210 -24.07 1.95 11.33
C PRO A 210 -22.79 2.81 11.50
C PRO A 210 -22.82 2.81 11.57
N ARG A 211 -21.73 2.20 12.04
CA ARG A 211 -20.51 2.95 12.33
C ARG A 211 -19.89 3.54 11.08
N LEU A 212 -19.97 2.80 9.98
CA LEU A 212 -19.38 3.24 8.74
C LEU A 212 -20.25 4.34 8.12
N ALA A 213 -21.57 4.16 8.20
CA ALA A 213 -22.50 5.16 7.67
C ALA A 213 -22.37 6.46 8.43
N ALA A 214 -22.26 6.36 9.76
CA ALA A 214 -22.10 7.55 10.57
C ALA A 214 -20.79 8.26 10.21
N TRP A 215 -19.71 7.49 10.12
CA TRP A 215 -18.42 8.01 9.73
C TRP A 215 -18.51 8.81 8.42
N ARG A 216 -19.13 8.23 7.41
CA ARG A 216 -19.34 8.93 6.14
C ARG A 216 -20.08 10.24 6.34
N GLY A 217 -21.15 10.21 7.14
CA GLY A 217 -21.90 11.43 7.44
C GLY A 217 -21.02 12.50 8.06
N ARG A 218 -20.18 12.09 9.02
CA ARG A 218 -19.28 13.03 9.69
C ARG A 218 -18.31 13.64 8.70
N VAL A 219 -17.70 12.80 7.87
CA VAL A 219 -16.71 13.29 6.91
C VAL A 219 -17.35 14.23 5.90
N GLU A 220 -18.46 13.79 5.31
CA GLU A 220 -19.18 14.60 4.33
C GLU A 220 -19.71 15.93 4.91
N ALA A 221 -20.19 15.92 6.16
CA ALA A 221 -20.58 17.16 6.85
C ALA A 221 -19.40 18.11 6.98
N PHE A 222 -18.23 17.61 7.34
CA PHE A 222 -17.04 18.45 7.47
C PHE A 222 -16.60 19.07 6.13
N LEU A 223 -16.56 18.27 5.06
CA LEU A 223 -16.14 18.75 3.75
C LEU A 223 -17.13 19.75 3.13
N GLY A 224 -18.42 19.54 3.37
CA GLY A 224 -19.47 20.36 2.78
C GLY A 224 -20.15 19.65 1.62
N ALA A 225 -21.44 19.87 1.47
CA ALA A 225 -22.25 19.20 0.45
C ALA A 225 -21.81 19.56 -0.97
N GLU A 226 -21.47 20.84 -1.16
CA GLU A 226 -21.09 21.32 -2.50
C GLU A 226 -19.79 20.71 -2.99
N LEU A 227 -18.79 20.70 -2.13
CA LEU A 227 -17.49 20.14 -2.47
C LEU A 227 -17.60 18.65 -2.74
N CYS A 228 -18.40 17.96 -1.93
CA CYS A 228 -18.64 16.53 -2.18
C CYS A 228 -19.27 16.30 -3.54
N GLN A 229 -20.30 17.06 -3.86
CA GLN A 229 -21.00 16.93 -5.13
C GLN A 229 -20.06 17.20 -6.33
N GLU A 230 -19.23 18.22 -6.24
CA GLU A 230 -18.25 18.52 -7.30
C GLU A 230 -17.27 17.37 -7.49
N ALA A 231 -16.76 16.84 -6.39
CA ALA A 231 -15.74 15.79 -6.44
C ALA A 231 -16.32 14.49 -6.99
N HIS A 232 -17.56 14.17 -6.63
CA HIS A 232 -18.16 12.89 -6.98
C HIS A 232 -19.01 12.91 -8.25
N SER A 233 -19.26 14.09 -8.82
CA SER A 233 -20.14 14.23 -9.99
CA SER A 233 -20.16 14.21 -9.97
C SER A 233 -19.78 13.24 -11.10
N ILE A 234 -18.50 13.22 -11.46
CA ILE A 234 -18.07 12.39 -12.60
C ILE A 234 -18.28 10.92 -12.31
N ILE A 235 -17.81 10.41 -11.17
CA ILE A 235 -17.96 8.98 -10.90
C ILE A 235 -19.43 8.61 -10.73
N LEU A 236 -20.25 9.51 -10.19
CA LEU A 236 -21.67 9.25 -10.02
C LEU A 236 -22.45 9.26 -11.35
N SER A 237 -21.87 9.72 -12.45
CA SER A 237 -22.56 9.68 -13.75
C SER A 237 -21.98 8.64 -14.72
N ILE A 238 -20.93 7.92 -14.31
CA ILE A 238 -20.19 7.05 -15.25
C ILE A 238 -21.00 5.82 -15.70
N LEU A 239 -21.78 5.23 -14.79
CA LEU A 239 -22.61 4.07 -15.17
C LEU A 239 -23.58 4.41 -16.29
N GLU A 240 -24.23 5.57 -16.20
CA GLU A 240 -25.16 6.05 -17.22
C GLU A 240 -24.45 6.39 -18.54
N GLN A 241 -23.28 6.99 -18.44
CA GLN A 241 -22.45 7.21 -19.65
C GLN A 241 -22.08 5.90 -20.34
N ALA A 242 -21.73 4.87 -19.57
CA ALA A 242 -21.46 3.54 -20.15
C ALA A 242 -22.71 2.99 -20.83
N ALA A 243 -23.86 3.12 -20.16
CA ALA A 243 -25.14 2.64 -20.70
C ALA A 243 -25.51 3.36 -21.99
N LYS A 244 -25.34 4.68 -22.01
CA LYS A 244 -25.62 5.46 -23.21
C LYS A 244 -24.56 5.33 -24.30
N LYS A 245 -23.43 4.70 -23.99
CA LYS A 245 -22.33 4.46 -24.97
C LYS A 245 -21.58 5.73 -25.35
N THR A 246 -21.45 6.64 -24.39
CA THR A 246 -20.85 7.95 -24.68
C THR A 246 -19.43 8.09 -24.11
N LEU A 247 -18.83 6.99 -23.65
CA LEU A 247 -17.45 7.04 -23.15
C LEU A 247 -16.48 7.07 -24.33
N PRO A 248 -15.31 7.69 -24.16
CA PRO A 248 -14.39 7.66 -25.31
C PRO A 248 -13.83 6.27 -25.59
N THR A 249 -13.33 6.08 -26.80
CA THR A 249 -12.63 4.87 -27.21
C THR A 249 -11.20 4.92 -26.66
N PRO A 250 -10.79 3.89 -25.93
CA PRO A 250 -9.43 3.95 -25.41
C PRO A 250 -8.36 3.96 -26.51
N SER A 251 -7.28 4.73 -26.31
CA SER A 251 -6.10 4.62 -27.16
C SER A 251 -5.54 3.19 -27.01
N PRO A 252 -4.69 2.75 -27.95
CA PRO A 252 -4.03 1.45 -27.86
C PRO A 252 -3.20 1.32 -26.58
N GLU A 253 -2.54 2.39 -26.19
CA GLU A 253 -1.76 2.42 -24.94
C GLU A 253 -2.67 2.20 -23.71
N ALA A 254 -3.80 2.88 -23.69
CA ALA A 254 -4.75 2.71 -22.61
C ALA A 254 -5.31 1.29 -22.60
N TYR A 255 -5.64 0.79 -23.78
CA TYR A 255 -6.10 -0.60 -23.94
C TYR A 255 -5.10 -1.58 -23.30
N GLN A 256 -3.82 -1.41 -23.62
CA GLN A 256 -2.75 -2.24 -23.07
C GLN A 256 -2.73 -2.20 -21.55
N ALA A 257 -2.77 -0.99 -21.00
CA ALA A 257 -2.82 -0.82 -19.55
C ALA A 257 -4.11 -1.39 -18.95
N MET A 258 -5.22 -1.26 -19.66
CA MET A 258 -6.47 -1.83 -19.18
C MET A 258 -6.40 -3.37 -19.08
N LEU A 259 -5.85 -3.99 -20.10
CA LEU A 259 -5.73 -5.45 -20.14
C LEU A 259 -4.87 -5.96 -18.99
N LEU A 260 -3.79 -5.24 -18.68
CA LEU A 260 -2.91 -5.57 -17.56
C LEU A 260 -3.65 -5.40 -16.23
N ARG A 261 -4.38 -4.30 -16.06
CA ARG A 261 -5.14 -4.12 -14.83
C ARG A 261 -6.17 -5.23 -14.64
N ILE A 262 -6.90 -5.55 -15.71
CA ILE A 262 -7.94 -6.58 -15.62
C ILE A 262 -7.34 -7.94 -15.25
N ALA A 263 -6.17 -8.25 -15.82
CA ALA A 263 -5.51 -9.52 -15.55
C ALA A 263 -4.88 -9.63 -14.15
N ARG A 264 -4.74 -8.50 -13.44
CA ARG A 264 -4.28 -8.59 -12.05
CA ARG A 264 -4.30 -8.41 -12.04
C ARG A 264 -5.46 -8.64 -11.07
N ILE A 265 -6.69 -8.67 -11.57
CA ILE A 265 -7.85 -8.98 -10.73
C ILE A 265 -7.78 -10.48 -10.38
N PRO A 266 -7.79 -10.83 -9.08
CA PRO A 266 -7.59 -12.25 -8.74
C PRO A 266 -8.83 -13.12 -8.78
N ASP B 12 -8.07 -10.63 33.66
CA ASP B 12 -7.35 -9.99 32.52
C ASP B 12 -6.00 -9.42 32.98
N LEU B 13 -4.95 -10.24 32.87
CA LEU B 13 -3.63 -9.93 33.44
C LEU B 13 -2.62 -9.37 32.42
N GLY B 14 -3.01 -9.23 31.15
CA GLY B 14 -2.07 -8.89 30.08
C GLY B 14 -0.85 -9.80 30.09
N THR B 15 -1.07 -11.11 29.90
CA THR B 15 0.00 -12.13 29.92
C THR B 15 0.21 -12.83 28.56
N GLU B 16 -0.26 -12.19 27.50
CA GLU B 16 -0.05 -12.64 26.12
C GLU B 16 1.38 -12.34 25.62
N PHE B 20 3.06 -11.68 28.15
CA PHE B 20 4.09 -11.12 29.00
C PHE B 20 4.90 -10.07 28.29
N GLN B 21 4.96 -8.87 28.88
CA GLN B 21 5.82 -7.82 28.39
C GLN B 21 7.29 -8.09 28.71
N SER B 22 8.17 -7.56 27.88
CA SER B 22 9.59 -7.46 28.21
C SER B 22 9.76 -6.18 29.02
N MET B 23 10.99 -5.90 29.43
CA MET B 23 11.26 -4.70 30.18
C MET B 23 10.95 -3.40 29.41
N GLY B 24 11.22 -3.37 28.11
CA GLY B 24 10.94 -2.17 27.32
C GLY B 24 10.04 -2.25 26.10
N LEU B 25 10.48 -1.62 25.01
CA LEU B 25 9.82 -1.62 23.71
C LEU B 25 9.82 -3.03 23.12
N GLU B 26 8.65 -3.51 22.67
CA GLU B 26 8.51 -4.86 22.09
C GLU B 26 8.26 -4.79 20.58
N LEU B 27 9.03 -5.58 19.82
CA LEU B 27 8.74 -5.79 18.40
C LEU B 27 8.38 -7.25 18.14
N PHE B 28 7.13 -7.46 17.72
CA PHE B 28 6.66 -8.76 17.32
C PHE B 28 6.92 -8.96 15.82
N LEU B 29 7.71 -9.97 15.48
CA LEU B 29 8.21 -10.17 14.13
C LEU B 29 8.54 -11.63 13.81
N ASP B 30 8.75 -11.89 12.52
CA ASP B 30 9.27 -13.16 12.01
C ASP B 30 10.19 -12.80 10.86
N LEU B 31 11.44 -13.23 10.92
CA LEU B 31 12.40 -12.80 9.88
C LEU B 31 12.18 -13.46 8.52
N VAL B 32 11.19 -14.34 8.40
CA VAL B 32 10.75 -14.82 7.07
C VAL B 32 9.94 -13.71 6.33
N SER B 33 9.41 -12.76 7.11
CA SER B 33 8.64 -11.62 6.62
C SER B 33 9.51 -10.43 6.24
N GLN B 34 9.24 -9.85 5.07
CA GLN B 34 10.04 -8.77 4.50
C GLN B 34 9.93 -7.46 5.32
N PRO B 35 8.71 -7.01 5.64
CA PRO B 35 8.62 -5.82 6.48
C PRO B 35 9.15 -6.04 7.89
N SER B 36 9.07 -7.27 8.40
CA SER B 36 9.68 -7.59 9.69
C SER B 36 11.18 -7.35 9.63
N ARG B 37 11.81 -7.84 8.56
CA ARG B 37 13.24 -7.65 8.35
C ARG B 37 13.60 -6.17 8.22
N ALA B 38 12.77 -5.41 7.54
CA ALA B 38 13.04 -3.97 7.40
C ALA B 38 13.09 -3.26 8.76
N VAL B 39 12.10 -3.50 9.61
CA VAL B 39 12.08 -2.89 10.94
C VAL B 39 13.23 -3.41 11.84
N TYR B 40 13.46 -4.73 11.84
CA TYR B 40 14.58 -5.34 12.56
C TYR B 40 15.90 -4.65 12.24
N ILE B 41 16.21 -4.57 10.95
CA ILE B 41 17.43 -3.90 10.49
C ILE B 41 17.52 -2.44 10.94
N PHE B 42 16.45 -1.68 10.76
CA PHE B 42 16.47 -0.28 11.10
C PHE B 42 16.82 -0.11 12.58
N ALA B 43 16.18 -0.89 13.45
CA ALA B 43 16.42 -0.85 14.88
C ALA B 43 17.84 -1.24 15.21
N LYS B 44 18.30 -2.36 14.64
CA LYS B 44 19.63 -2.85 14.92
C LYS B 44 20.67 -1.84 14.48
N LYS B 45 20.53 -1.31 13.27
CA LYS B 45 21.53 -0.39 12.76
C LYS B 45 21.61 0.88 13.61
N ASN B 46 20.49 1.31 14.18
CA ASN B 46 20.45 2.53 14.99
C ASN B 46 20.63 2.30 16.49
N GLY B 47 20.78 1.05 16.90
CA GLY B 47 20.95 0.73 18.30
C GLY B 47 19.73 1.04 19.15
N ILE B 48 18.56 0.90 18.55
CA ILE B 48 17.31 1.11 19.27
C ILE B 48 17.02 -0.17 20.05
N PRO B 49 16.98 -0.07 21.38
CA PRO B 49 16.85 -1.27 22.19
C PRO B 49 15.44 -1.85 22.14
N LEU B 50 15.26 -2.91 21.35
CA LEU B 50 13.97 -3.56 21.21
C LEU B 50 14.05 -4.95 21.81
N GLU B 51 13.02 -5.31 22.57
CA GLU B 51 12.81 -6.69 22.98
C GLU B 51 12.09 -7.39 21.85
N LEU B 52 12.82 -8.21 21.10
CA LEU B 52 12.29 -8.94 19.95
C LEU B 52 11.47 -10.13 20.39
N ARG B 53 10.23 -10.18 19.95
CA ARG B 53 9.33 -11.29 20.22
C ARG B 53 9.00 -11.99 18.90
N THR B 54 9.51 -13.22 18.77
CA THR B 54 9.25 -14.06 17.60
C THR B 54 7.82 -14.56 17.59
N VAL B 55 7.14 -14.33 16.46
CA VAL B 55 5.81 -14.84 16.20
C VAL B 55 5.84 -15.64 14.89
N ASP B 56 5.73 -16.95 14.98
CA ASP B 56 6.07 -17.86 13.89
C ASP B 56 4.90 -17.92 12.91
N LEU B 57 5.08 -17.27 11.76
CA LEU B 57 4.06 -17.21 10.71
C LEU B 57 3.68 -18.59 10.16
N VAL B 58 4.66 -19.40 9.82
CA VAL B 58 4.32 -20.68 9.18
C VAL B 58 3.51 -21.55 10.15
N LYS B 59 3.90 -21.52 11.43
CA LYS B 59 3.19 -22.24 12.48
C LYS B 59 1.78 -21.70 12.71
N GLY B 60 1.62 -20.39 12.54
CA GLY B 60 0.34 -19.69 12.73
C GLY B 60 0.20 -18.91 14.05
N GLN B 61 1.31 -18.59 14.70
CA GLN B 61 1.27 -17.89 15.99
C GLN B 61 0.67 -16.49 15.91
N HIS B 62 0.68 -15.92 14.71
CA HIS B 62 0.06 -14.62 14.42
C HIS B 62 -1.47 -14.65 14.46
N LYS B 63 -2.05 -15.85 14.36
CA LYS B 63 -3.47 -16.02 14.50
C LYS B 63 -3.81 -16.66 15.85
N SER B 64 -2.84 -16.73 16.75
CA SER B 64 -3.09 -17.27 18.10
C SER B 64 -3.94 -16.27 18.88
N LYS B 65 -4.77 -16.79 19.78
CA LYS B 65 -5.55 -15.95 20.69
C LYS B 65 -4.66 -14.90 21.30
N GLU B 66 -3.49 -15.35 21.75
CA GLU B 66 -2.57 -14.47 22.44
C GLU B 66 -2.20 -13.28 21.54
N PHE B 67 -1.76 -13.53 20.31
CA PHE B 67 -1.33 -12.43 19.44
C PHE B 67 -2.47 -11.51 18.99
N LEU B 68 -3.64 -12.07 18.77
CA LEU B 68 -4.77 -11.28 18.28
C LEU B 68 -5.25 -10.29 19.34
N GLN B 69 -4.89 -10.58 20.60
CA GLN B 69 -5.08 -9.65 21.71
C GLN B 69 -4.17 -8.43 21.58
N ILE B 70 -3.05 -8.59 20.90
CA ILE B 70 -2.08 -7.52 20.71
C ILE B 70 -2.39 -6.80 19.40
N ASN B 71 -2.43 -7.53 18.30
CA ASN B 71 -2.83 -6.97 17.00
C ASN B 71 -4.00 -7.78 16.45
N SER B 72 -5.20 -7.18 16.47
CA SER B 72 -6.43 -7.85 16.06
C SER B 72 -6.38 -8.25 14.58
N LEU B 73 -5.48 -7.63 13.81
CA LEU B 73 -5.30 -7.98 12.39
C LEU B 73 -4.44 -9.22 12.20
N GLY B 74 -3.69 -9.58 13.25
CA GLY B 74 -2.87 -10.78 13.23
C GLY B 74 -1.88 -10.76 12.09
N LYS B 75 -1.19 -9.64 11.96
CA LYS B 75 -0.15 -9.47 10.95
C LYS B 75 1.11 -8.91 11.59
N LEU B 76 2.24 -9.26 10.98
CA LEU B 76 3.59 -8.83 11.41
C LEU B 76 4.22 -7.86 10.41
N PRO B 77 5.05 -6.93 10.91
CA PRO B 77 5.42 -6.73 12.29
C PRO B 77 4.44 -5.85 13.06
N THR B 78 4.49 -5.95 14.38
CA THR B 78 3.74 -5.09 15.26
C THR B 78 4.65 -4.57 16.37
N LEU B 79 4.56 -3.26 16.63
CA LEU B 79 5.33 -2.60 17.69
C LEU B 79 4.40 -2.37 18.86
N LYS B 80 4.91 -2.58 20.05
CA LYS B 80 4.18 -2.29 21.26
C LYS B 80 5.07 -1.38 22.07
N ASP B 81 4.64 -0.13 22.22
CA ASP B 81 5.35 0.85 23.00
C ASP B 81 4.45 1.18 24.19
N GLY B 82 4.67 0.48 25.30
CA GLY B 82 3.80 0.62 26.46
C GLY B 82 2.42 0.16 26.02
N ASP B 83 1.43 1.01 26.25
CA ASP B 83 0.05 0.73 25.84
C ASP B 83 -0.18 1.00 24.34
N PHE B 84 0.77 1.69 23.69
CA PHE B 84 0.64 2.07 22.28
C PHE B 84 1.11 0.99 21.30
N ILE B 85 0.13 0.38 20.63
CA ILE B 85 0.38 -0.70 19.69
C ILE B 85 0.22 -0.20 18.24
N LEU B 86 1.26 -0.42 17.45
CA LEU B 86 1.37 0.13 16.08
C LEU B 86 1.72 -0.95 15.05
N THR B 87 0.93 -1.02 13.98
CA THR B 87 1.21 -1.90 12.84
C THR B 87 1.71 -1.09 11.65
N GLU B 88 2.03 -1.80 10.57
CA GLU B 88 2.55 -1.25 9.30
C GLU B 88 4.01 -0.87 9.45
N SER B 89 4.87 -1.54 8.71
CA SER B 89 6.30 -1.31 8.78
C SER B 89 6.64 0.15 8.52
N SER B 90 6.00 0.75 7.51
CA SER B 90 6.29 2.14 7.17
C SER B 90 6.04 3.06 8.38
N ALA B 91 4.89 2.88 9.03
CA ALA B 91 4.50 3.70 10.17
C ALA B 91 5.40 3.46 11.37
N ILE B 92 5.82 2.20 11.54
CA ILE B 92 6.71 1.81 12.63
C ILE B 92 8.08 2.42 12.40
N LEU B 93 8.57 2.32 11.17
CA LEU B 93 9.87 2.87 10.84
C LEU B 93 9.93 4.39 11.09
N ILE B 94 8.90 5.10 10.66
CA ILE B 94 8.84 6.54 10.84
C ILE B 94 8.72 6.88 12.32
N TYR B 95 7.84 6.17 13.02
CA TYR B 95 7.62 6.40 14.46
C TYR B 95 8.90 6.20 15.28
N LEU B 96 9.61 5.10 15.01
CA LEU B 96 10.90 4.85 15.67
C LEU B 96 11.90 5.96 15.32
N SER B 97 11.96 6.34 14.04
CA SER B 97 12.91 7.37 13.61
C SER B 97 12.75 8.68 14.40
N CYS B 98 11.51 9.09 14.65
CA CYS B 98 11.28 10.36 15.37
C CYS B 98 11.38 10.23 16.88
N LYS B 99 10.90 9.12 17.45
CA LYS B 99 11.03 8.88 18.89
C LYS B 99 12.48 8.71 19.30
N TYR B 100 13.27 8.04 18.47
CA TYR B 100 14.68 7.81 18.81
C TYR B 100 15.63 8.76 18.09
N GLN B 101 15.06 9.75 17.40
CA GLN B 101 15.82 10.84 16.80
C GLN B 101 17.03 10.31 16.02
N THR B 102 16.74 9.43 15.07
CA THR B 102 17.75 8.80 14.24
C THR B 102 18.34 9.81 13.25
N PRO B 103 19.50 9.49 12.63
CA PRO B 103 20.16 10.45 11.74
C PRO B 103 19.24 10.90 10.60
N ASP B 104 19.21 12.20 10.31
CA ASP B 104 18.23 12.77 9.36
C ASP B 104 18.12 12.07 7.99
N HIS B 105 19.24 11.59 7.46
CA HIS B 105 19.26 11.02 6.10
C HIS B 105 18.24 9.90 5.88
N TRP B 106 17.93 9.13 6.92
CA TRP B 106 16.97 8.03 6.79
C TRP B 106 15.60 8.55 6.40
N TYR B 107 15.15 9.61 7.07
CA TYR B 107 13.85 10.19 6.85
C TYR B 107 13.98 11.71 6.85
N PRO B 108 14.43 12.28 5.65
CA PRO B 108 14.77 13.71 5.76
C PRO B 108 13.64 14.65 6.13
N SER B 109 13.98 15.67 6.92
CA SER B 109 13.08 16.79 7.25
C SER B 109 12.72 17.68 6.06
N ASP B 110 13.70 17.97 5.22
CA ASP B 110 13.45 18.74 4.00
C ASP B 110 12.14 18.30 3.33
N LEU B 111 11.32 19.28 2.96
CA LEU B 111 10.01 19.06 2.36
C LEU B 111 10.07 18.11 1.16
N GLN B 112 10.94 18.42 0.20
CA GLN B 112 11.02 17.66 -1.04
C GLN B 112 11.64 16.27 -0.85
N ALA B 113 12.77 16.20 -0.15
CA ALA B 113 13.46 14.92 0.09
C ALA B 113 12.59 13.95 0.85
N ARG B 114 11.77 14.47 1.77
CA ARG B 114 10.79 13.63 2.46
C ARG B 114 9.68 13.15 1.53
N ALA B 115 9.21 14.02 0.66
CA ALA B 115 8.16 13.67 -0.29
C ALA B 115 8.63 12.54 -1.20
N ARG B 116 9.92 12.54 -1.55
CA ARG B 116 10.52 11.45 -2.34
C ARG B 116 10.49 10.11 -1.63
N VAL B 117 10.67 10.12 -0.32
CA VAL B 117 10.56 8.90 0.50
C VAL B 117 9.11 8.44 0.57
N HIS B 118 8.19 9.38 0.85
CA HIS B 118 6.77 9.06 0.86
C HIS B 118 6.27 8.60 -0.51
N GLU B 119 6.81 9.20 -1.56
CA GLU B 119 6.47 8.80 -2.93
C GLU B 119 6.88 7.36 -3.16
N TYR B 120 8.12 7.01 -2.80
CA TYR B 120 8.57 5.63 -2.98
C TYR B 120 7.70 4.66 -2.16
N LEU B 121 7.45 4.98 -0.90
CA LEU B 121 6.70 4.08 -0.03
C LEU B 121 5.30 3.82 -0.57
N GLY B 122 4.66 4.84 -1.13
CA GLY B 122 3.36 4.68 -1.77
C GLY B 122 3.40 3.75 -2.99
N TRP B 123 4.37 3.98 -3.86
CA TRP B 123 4.52 3.17 -5.08
C TRP B 123 4.93 1.74 -4.70
N HIS B 124 5.88 1.63 -3.78
CA HIS B 124 6.25 0.34 -3.20
C HIS B 124 5.04 -0.51 -2.79
N ALA B 125 4.08 0.12 -2.10
CA ALA B 125 2.90 -0.63 -1.61
C ALA B 125 2.05 -1.16 -2.76
N ASP B 126 2.05 -0.45 -3.87
CA ASP B 126 1.33 -0.87 -5.07
C ASP B 126 2.04 -1.90 -5.94
N CSO B 127 3.32 -1.67 -6.22
CA CSO B 127 4.03 -2.40 -7.28
CB CSO B 127 4.72 -1.40 -8.18
SG CSO B 127 3.53 -0.40 -9.03
C CSO B 127 5.07 -3.39 -6.78
O CSO B 127 5.47 -4.28 -7.55
OD CSO B 127 2.66 -1.51 -10.07
N ILE B 128 5.51 -3.28 -5.53
CA ILE B 128 6.46 -4.22 -4.94
C ILE B 128 5.77 -5.16 -3.97
N ARG B 129 5.16 -4.61 -2.92
CA ARG B 129 4.48 -5.40 -1.92
C ARG B 129 3.34 -6.15 -2.56
N GLY B 130 3.28 -7.45 -2.29
CA GLY B 130 2.26 -8.30 -2.87
C GLY B 130 2.64 -8.91 -4.20
N THR B 131 3.74 -8.44 -4.80
CA THR B 131 4.23 -9.02 -6.07
C THR B 131 5.49 -9.84 -5.79
N PHE B 132 6.44 -9.27 -5.07
CA PHE B 132 7.73 -9.91 -4.95
C PHE B 132 7.74 -11.08 -3.98
N GLY B 133 6.72 -11.17 -3.12
CA GLY B 133 6.63 -12.28 -2.17
C GLY B 133 6.01 -13.54 -2.74
N ILE B 134 5.41 -13.45 -3.93
CA ILE B 134 4.69 -14.56 -4.53
C ILE B 134 5.53 -15.83 -4.72
N PRO B 135 6.81 -15.71 -5.08
CA PRO B 135 7.62 -16.93 -5.22
C PRO B 135 7.71 -17.82 -3.98
N LEU B 136 7.68 -17.26 -2.79
CA LEU B 136 7.64 -18.09 -1.56
C LEU B 136 6.35 -18.92 -1.48
N TRP B 137 5.24 -18.32 -1.91
CA TRP B 137 3.95 -19.02 -1.97
C TRP B 137 3.95 -20.11 -3.01
N VAL B 138 4.55 -19.81 -4.16
CA VAL B 138 4.65 -20.79 -5.25
C VAL B 138 5.53 -21.99 -4.90
N GLN B 139 6.72 -21.71 -4.37
CA GLN B 139 7.72 -22.73 -4.17
C GLN B 139 7.64 -23.43 -2.81
N VAL B 140 7.10 -22.78 -1.78
CA VAL B 140 7.17 -23.31 -0.41
C VAL B 140 5.79 -23.44 0.23
N LEU B 141 5.10 -22.33 0.40
CA LEU B 141 3.93 -22.27 1.29
C LEU B 141 2.69 -22.93 0.73
N GLY B 142 2.44 -22.75 -0.56
CA GLY B 142 1.37 -23.47 -1.22
C GLY B 142 1.59 -24.98 -1.15
N PRO B 143 2.73 -25.45 -1.66
CA PRO B 143 2.97 -26.90 -1.64
C PRO B 143 2.97 -27.48 -0.21
N LEU B 144 3.37 -26.69 0.78
CA LEU B 144 3.32 -27.09 2.18
C LEU B 144 1.91 -27.54 2.59
N ILE B 145 0.87 -26.91 2.04
CA ILE B 145 -0.51 -27.27 2.40
C ILE B 145 -1.26 -27.92 1.23
N GLY B 146 -0.50 -28.44 0.28
CA GLY B 146 -1.06 -29.21 -0.83
C GLY B 146 -1.64 -28.42 -1.99
N VAL B 147 -1.35 -27.12 -2.08
CA VAL B 147 -1.90 -26.25 -3.13
C VAL B 147 -0.79 -25.76 -4.07
N GLN B 148 -0.99 -26.00 -5.37
CA GLN B 148 -0.08 -25.48 -6.39
C GLN B 148 -0.61 -24.18 -6.98
N VAL B 149 0.28 -23.23 -7.22
CA VAL B 149 -0.09 -22.00 -7.91
C VAL B 149 -0.02 -22.26 -9.41
N PRO B 150 -1.11 -21.96 -10.14
CA PRO B 150 -1.06 -22.29 -11.58
C PRO B 150 0.06 -21.60 -12.33
N LYS B 151 0.60 -22.26 -13.33
CA LYS B 151 1.75 -21.76 -14.05
C LYS B 151 1.51 -20.38 -14.66
N GLU B 152 0.33 -20.19 -15.22
CA GLU B 152 -0.05 -18.92 -15.85
C GLU B 152 0.15 -17.77 -14.85
N LYS B 153 -0.20 -17.99 -13.59
CA LYS B 153 -0.03 -16.96 -12.57
C LYS B 153 1.44 -16.71 -12.23
N VAL B 154 2.22 -17.79 -12.17
CA VAL B 154 3.66 -17.68 -11.90
C VAL B 154 4.35 -16.85 -12.97
N GLU B 155 3.99 -17.11 -14.23
CA GLU B 155 4.55 -16.37 -15.37
C GLU B 155 4.15 -14.89 -15.34
N ARG B 156 2.86 -14.64 -15.10
CA ARG B 156 2.36 -13.28 -14.92
C ARG B 156 3.14 -12.56 -13.82
N ASN B 157 3.38 -13.25 -12.71
CA ASN B 157 4.15 -12.67 -11.60
C ASN B 157 5.59 -12.34 -11.99
N ARG B 158 6.22 -13.22 -12.77
CA ARG B 158 7.58 -12.97 -13.25
C ARG B 158 7.64 -11.71 -14.13
N THR B 159 6.70 -11.58 -15.06
CA THR B 159 6.60 -10.38 -15.89
C THR B 159 6.40 -9.10 -15.05
N ALA B 160 5.54 -9.17 -14.03
CA ALA B 160 5.29 -8.03 -13.15
C ALA B 160 6.54 -7.65 -12.36
N MET B 161 7.23 -8.65 -11.83
CA MET B 161 8.50 -8.39 -11.15
C MET B 161 9.48 -7.66 -12.08
N ASP B 162 9.59 -8.14 -13.32
CA ASP B 162 10.50 -7.52 -14.28
C ASP B 162 10.13 -6.07 -14.55
N GLN B 163 8.83 -5.80 -14.74
CA GLN B 163 8.41 -4.43 -14.99
C GLN B 163 8.68 -3.54 -13.77
N ALA B 164 8.42 -4.04 -12.56
CA ALA B 164 8.65 -3.25 -11.36
C ALA B 164 10.13 -2.91 -11.17
N LEU B 165 11.00 -3.88 -11.45
CA LEU B 165 12.45 -3.68 -11.33
C LEU B 165 12.91 -2.62 -12.33
N GLN B 166 12.40 -2.69 -13.55
CA GLN B 166 12.66 -1.67 -14.57
C GLN B 166 12.32 -0.25 -14.08
N TRP B 167 11.13 -0.06 -13.50
CA TRP B 167 10.74 1.24 -12.94
C TRP B 167 11.62 1.64 -11.76
N LEU B 168 12.00 0.65 -10.97
CA LEU B 168 12.89 0.86 -9.83
C LEU B 168 14.20 1.49 -10.30
N GLU B 169 14.73 0.98 -11.40
CA GLU B 169 15.96 1.51 -11.99
C GLU B 169 15.75 2.87 -12.66
N ASP B 170 14.70 2.98 -13.44
CA ASP B 170 14.50 4.13 -14.31
C ASP B 170 13.88 5.35 -13.63
N LYS B 171 12.85 5.15 -12.82
CA LYS B 171 12.14 6.26 -12.19
C LYS B 171 12.81 6.66 -10.88
N PHE B 172 13.11 5.67 -10.04
CA PHE B 172 13.53 5.96 -8.69
C PHE B 172 15.03 6.06 -8.56
N LEU B 173 15.75 5.00 -8.93
CA LEU B 173 17.21 5.01 -8.82
C LEU B 173 17.84 5.95 -9.83
N GLY B 174 17.49 5.78 -11.10
CA GLY B 174 18.09 6.56 -12.17
C GLY B 174 19.61 6.50 -12.11
N ASP B 175 20.26 7.64 -12.36
CA ASP B 175 21.71 7.72 -12.24
C ASP B 175 22.16 8.15 -10.83
N ARG B 176 21.27 7.98 -9.84
CA ARG B 176 21.56 8.35 -8.44
C ARG B 176 21.99 7.13 -7.62
N PRO B 177 22.56 7.38 -6.43
CA PRO B 177 23.01 6.25 -5.60
C PRO B 177 21.91 5.47 -4.87
N PHE B 178 20.86 6.14 -4.41
CA PHE B 178 19.78 5.46 -3.67
C PHE B 178 18.42 5.78 -4.25
N LEU B 179 17.41 5.07 -3.78
CA LEU B 179 16.10 5.15 -4.40
C LEU B 179 15.43 6.52 -4.24
N ALA B 180 15.76 7.24 -3.18
CA ALA B 180 15.12 8.54 -2.91
C ALA B 180 16.15 9.65 -2.69
N GLY B 181 17.28 9.57 -3.38
CA GLY B 181 18.27 10.65 -3.34
C GLY B 181 19.71 10.19 -3.11
N GLN B 182 20.48 11.03 -2.44
CA GLN B 182 21.93 10.82 -2.30
C GLN B 182 22.33 9.91 -1.16
N GLN B 183 21.42 9.65 -0.22
CA GLN B 183 21.73 8.77 0.92
C GLN B 183 20.67 7.71 1.15
N VAL B 184 21.03 6.74 2.00
CA VAL B 184 20.14 5.63 2.32
C VAL B 184 18.96 6.14 3.14
N THR B 185 17.76 5.80 2.68
CA THR B 185 16.54 6.18 3.38
C THR B 185 15.75 4.94 3.73
N LEU B 186 14.68 5.13 4.50
CA LEU B 186 13.69 4.09 4.73
C LEU B 186 13.29 3.39 3.44
N ALA B 187 13.24 4.13 2.32
CA ALA B 187 12.84 3.55 1.04
C ALA B 187 13.75 2.39 0.62
N ASP B 188 15.06 2.58 0.75
CA ASP B 188 16.04 1.57 0.34
C ASP B 188 15.92 0.30 1.17
N LEU B 189 15.66 0.48 2.46
CA LEU B 189 15.50 -0.62 3.39
C LEU B 189 14.29 -1.47 2.99
N MET B 190 13.15 -0.81 2.83
CA MET B 190 11.90 -1.46 2.43
C MET B 190 12.06 -2.25 1.14
N ALA B 191 12.64 -1.62 0.13
CA ALA B 191 12.84 -2.21 -1.19
C ALA B 191 13.78 -3.43 -1.16
N LEU B 192 14.91 -3.29 -0.49
CA LEU B 192 15.89 -4.38 -0.44
C LEU B 192 15.27 -5.66 0.13
N GLU B 193 14.56 -5.53 1.25
CA GLU B 193 14.03 -6.69 1.95
C GLU B 193 12.92 -7.40 1.20
N GLU B 194 12.17 -6.67 0.37
CA GLU B 194 11.21 -7.28 -0.55
C GLU B 194 11.96 -8.01 -1.68
N LEU B 195 12.98 -7.38 -2.21
CA LEU B 195 13.74 -7.97 -3.33
C LEU B 195 14.50 -9.23 -2.91
N MET B 196 14.83 -9.32 -1.62
CA MET B 196 15.52 -10.48 -1.08
C MET B 196 14.64 -11.72 -1.06
N GLN B 197 13.33 -11.55 -1.01
CA GLN B 197 12.44 -12.71 -0.90
C GLN B 197 12.59 -13.62 -2.11
N PRO B 198 12.47 -13.08 -3.34
CA PRO B 198 12.73 -14.00 -4.46
C PRO B 198 14.20 -14.39 -4.62
N VAL B 199 15.13 -13.51 -4.26
CA VAL B 199 16.55 -13.83 -4.37
C VAL B 199 16.87 -15.08 -3.56
N ALA B 200 16.37 -15.12 -2.33
CA ALA B 200 16.55 -16.25 -1.42
C ALA B 200 15.96 -17.57 -1.94
N LEU B 201 15.03 -17.49 -2.90
CA LEU B 201 14.42 -18.67 -3.53
C LEU B 201 15.01 -18.98 -4.91
N GLY B 202 16.09 -18.29 -5.25
CA GLY B 202 16.87 -18.57 -6.46
C GLY B 202 16.51 -17.75 -7.68
N TYR B 203 15.66 -16.74 -7.51
CA TYR B 203 15.44 -15.75 -8.57
C TYR B 203 16.60 -14.76 -8.56
N GLU B 204 17.42 -14.81 -9.61
CA GLU B 204 18.58 -13.94 -9.77
C GLU B 204 18.17 -12.55 -10.29
N LEU B 205 17.49 -11.76 -9.46
CA LEU B 205 16.90 -10.50 -9.91
C LEU B 205 17.93 -9.47 -10.31
N PHE B 206 19.07 -9.47 -9.64
CA PHE B 206 20.10 -8.47 -9.89
C PHE B 206 20.98 -8.75 -11.10
N GLU B 207 20.82 -9.92 -11.74
CA GLU B 207 21.60 -10.26 -12.94
C GLU B 207 21.04 -9.55 -14.15
N GLY B 208 21.94 -9.00 -14.99
CA GLY B 208 21.55 -8.21 -16.15
C GLY B 208 21.15 -6.78 -15.82
N ARG B 209 21.15 -6.43 -14.53
CA ARG B 209 20.73 -5.10 -14.07
CA ARG B 209 20.73 -5.12 -14.07
C ARG B 209 21.84 -4.49 -13.22
N PRO B 210 22.92 -4.03 -13.87
CA PRO B 210 24.08 -3.48 -13.16
C PRO B 210 23.81 -2.35 -12.17
N ARG B 211 22.97 -1.39 -12.56
CA ARG B 211 22.66 -0.26 -11.69
C ARG B 211 21.94 -0.70 -10.44
N LEU B 212 21.04 -1.67 -10.54
CA LEU B 212 20.39 -2.22 -9.37
C LEU B 212 21.37 -3.03 -8.52
N ALA B 213 22.24 -3.77 -9.19
CA ALA B 213 23.27 -4.55 -8.50
C ALA B 213 24.16 -3.65 -7.63
N ALA B 214 24.66 -2.57 -8.21
CA ALA B 214 25.50 -1.62 -7.48
C ALA B 214 24.76 -1.00 -6.29
N TRP B 215 23.51 -0.60 -6.52
CA TRP B 215 22.63 -0.13 -5.45
C TRP B 215 22.62 -1.11 -4.26
N ARG B 216 22.38 -2.39 -4.57
CA ARG B 216 22.35 -3.44 -3.55
C ARG B 216 23.64 -3.43 -2.71
N GLY B 217 24.78 -3.50 -3.39
CA GLY B 217 26.09 -3.44 -2.71
C GLY B 217 26.22 -2.20 -1.84
N ARG B 218 25.79 -1.06 -2.38
CA ARG B 218 25.82 0.22 -1.66
C ARG B 218 25.00 0.16 -0.37
N VAL B 219 23.80 -0.42 -0.44
CA VAL B 219 22.93 -0.50 0.73
C VAL B 219 23.52 -1.48 1.76
N GLU B 220 23.97 -2.64 1.28
CA GLU B 220 24.55 -3.67 2.15
C GLU B 220 25.86 -3.20 2.77
N ALA B 221 26.70 -2.53 1.98
CA ALA B 221 27.92 -1.92 2.51
C ALA B 221 27.60 -0.97 3.66
N PHE B 222 26.55 -0.16 3.50
CA PHE B 222 26.16 0.79 4.54
C PHE B 222 25.63 0.07 5.76
N LEU B 223 24.71 -0.88 5.56
CA LEU B 223 24.12 -1.61 6.67
C LEU B 223 25.15 -2.46 7.42
N GLY B 224 25.99 -3.16 6.67
CA GLY B 224 27.05 -4.00 7.24
C GLY B 224 26.76 -5.45 6.96
N ALA B 225 27.80 -6.21 6.67
CA ALA B 225 27.64 -7.61 6.27
C ALA B 225 27.03 -8.46 7.38
N GLU B 226 27.48 -8.25 8.61
CA GLU B 226 27.03 -9.04 9.76
C GLU B 226 25.55 -8.83 10.02
N LEU B 227 25.10 -7.59 9.91
CA LEU B 227 23.70 -7.27 10.11
C LEU B 227 22.83 -7.89 9.01
N CYS B 228 23.22 -7.66 7.75
CA CYS B 228 22.53 -8.27 6.61
C CYS B 228 22.48 -9.78 6.77
N GLN B 229 23.62 -10.37 7.08
CA GLN B 229 23.74 -11.81 7.23
C GLN B 229 22.70 -12.34 8.20
N GLU B 230 22.59 -11.72 9.38
CA GLU B 230 21.66 -12.25 10.40
C GLU B 230 20.18 -11.93 10.13
N ALA B 231 19.91 -10.82 9.45
CA ALA B 231 18.55 -10.48 9.01
C ALA B 231 18.03 -11.49 7.97
N HIS B 232 18.88 -11.84 7.02
CA HIS B 232 18.50 -12.66 5.87
C HIS B 232 18.65 -14.18 6.12
N SER B 233 19.26 -14.54 7.25
CA SER B 233 19.60 -15.92 7.55
C SER B 233 18.42 -16.88 7.34
N ILE B 234 17.29 -16.53 7.93
CA ILE B 234 16.15 -17.43 7.92
C ILE B 234 15.57 -17.59 6.51
N ILE B 235 15.42 -16.50 5.76
CA ILE B 235 14.86 -16.62 4.41
C ILE B 235 15.82 -17.33 3.44
N LEU B 236 17.12 -17.13 3.63
CA LEU B 236 18.12 -17.80 2.80
C LEU B 236 18.17 -19.31 3.06
N SER B 237 17.53 -19.79 4.12
CA SER B 237 17.56 -21.21 4.44
C SER B 237 16.21 -21.87 4.24
N ILE B 238 15.18 -21.10 3.96
CA ILE B 238 13.82 -21.65 4.01
C ILE B 238 13.54 -22.67 2.89
N LEU B 239 14.09 -22.43 1.70
CA LEU B 239 13.82 -23.36 0.60
C LEU B 239 14.39 -24.75 0.93
N GLU B 240 15.63 -24.78 1.42
CA GLU B 240 16.24 -26.04 1.85
C GLU B 240 15.49 -26.69 3.01
N GLN B 241 14.99 -25.89 3.95
CA GLN B 241 14.19 -26.44 5.06
C GLN B 241 12.89 -27.06 4.54
N ALA B 242 12.24 -26.38 3.59
CA ALA B 242 11.02 -26.90 3.00
C ALA B 242 11.29 -28.24 2.34
N ALA B 243 12.40 -28.34 1.62
CA ALA B 243 12.77 -29.57 0.91
C ALA B 243 12.98 -30.76 1.84
N LYS B 244 13.57 -30.49 3.00
CA LYS B 244 13.81 -31.50 4.00
C LYS B 244 12.62 -31.65 4.98
N LYS B 245 11.50 -30.98 4.72
CA LYS B 245 10.24 -31.15 5.47
C LYS B 245 10.39 -30.86 6.96
N THR B 246 11.18 -29.83 7.30
CA THR B 246 11.39 -29.43 8.68
C THR B 246 10.62 -28.15 9.07
N LEU B 247 9.72 -27.67 8.21
CA LEU B 247 8.95 -26.47 8.55
C LEU B 247 7.80 -26.86 9.46
N PRO B 248 7.25 -25.91 10.23
CA PRO B 248 6.10 -26.26 11.07
C PRO B 248 4.88 -26.62 10.23
N THR B 249 3.96 -27.40 10.81
CA THR B 249 2.65 -27.64 10.21
C THR B 249 1.75 -26.46 10.54
N PRO B 250 1.21 -25.78 9.53
CA PRO B 250 0.34 -24.64 9.83
C PRO B 250 -0.88 -25.02 10.66
N SER B 251 -1.23 -24.13 11.58
CA SER B 251 -2.44 -24.29 12.35
C SER B 251 -3.62 -24.11 11.40
N PRO B 252 -4.82 -24.51 11.85
CA PRO B 252 -6.01 -24.33 10.99
C PRO B 252 -6.22 -22.88 10.60
N GLU B 253 -5.94 -21.96 11.53
CA GLU B 253 -6.05 -20.52 11.26
C GLU B 253 -5.02 -20.03 10.23
N ALA B 254 -3.80 -20.54 10.28
CA ALA B 254 -2.80 -20.19 9.28
C ALA B 254 -3.21 -20.73 7.91
N TYR B 255 -3.69 -21.96 7.89
CA TYR B 255 -4.20 -22.60 6.68
C TYR B 255 -5.26 -21.76 5.99
N GLN B 256 -6.25 -21.30 6.76
CA GLN B 256 -7.32 -20.44 6.25
C GLN B 256 -6.77 -19.21 5.60
N ALA B 257 -5.84 -18.56 6.29
CA ALA B 257 -5.22 -17.34 5.80
C ALA B 257 -4.37 -17.63 4.56
N MET B 258 -3.73 -18.79 4.55
CA MET B 258 -2.86 -19.14 3.45
C MET B 258 -3.68 -19.34 2.18
N LEU B 259 -4.82 -20.04 2.30
CA LEU B 259 -5.70 -20.28 1.18
C LEU B 259 -6.19 -18.95 0.57
N LEU B 260 -6.55 -18.01 1.43
CA LEU B 260 -6.97 -16.68 1.00
C LEU B 260 -5.85 -15.96 0.27
N ARG B 261 -4.64 -15.97 0.82
CA ARG B 261 -3.51 -15.29 0.18
CA ARG B 261 -3.51 -15.30 0.18
C ARG B 261 -3.26 -15.90 -1.20
N ILE B 262 -3.28 -17.22 -1.28
CA ILE B 262 -2.99 -17.90 -2.55
C ILE B 262 -4.05 -17.56 -3.61
N ALA B 263 -5.31 -17.51 -3.21
CA ALA B 263 -6.37 -17.12 -4.11
C ALA B 263 -6.36 -15.60 -4.49
N ARG B 264 -5.61 -14.77 -3.75
CA ARG B 264 -5.39 -13.37 -4.15
C ARG B 264 -4.34 -13.24 -5.24
N ILE B 265 -3.61 -14.31 -5.53
CA ILE B 265 -2.59 -14.29 -6.59
C ILE B 265 -3.34 -14.24 -7.91
N PRO B 266 -3.06 -13.24 -8.73
CA PRO B 266 -3.82 -13.05 -9.96
C PRO B 266 -3.39 -13.94 -11.14
N1 GSH C . -0.94 4.66 -5.19
CA1 GSH C . -1.19 5.66 -6.28
C1 GSH C . -1.81 6.94 -5.75
O11 GSH C . -2.61 6.91 -4.78
O12 GSH C . -1.49 8.00 -6.32
CB1 GSH C . -2.08 5.04 -7.36
CG1 GSH C . -2.04 5.82 -8.69
CD1 GSH C . -2.90 5.12 -9.72
OE1 GSH C . -2.76 3.93 -9.88
N2 GSH C . -3.80 5.84 -10.43
CA2 GSH C . -4.62 5.27 -11.48
C2 GSH C . -3.99 5.43 -12.83
O2 GSH C . -3.43 6.49 -13.10
CB2 GSH C . -6.01 5.87 -11.61
SG2 GSH C . -7.01 5.73 -10.11
N3 GSH C . -4.11 4.37 -13.63
CA3 GSH C . -3.60 4.29 -14.97
C3 GSH C . -2.63 3.15 -15.24
O31 GSH C . -2.14 2.46 -14.31
O32 GSH C . -2.34 2.94 -16.44
N1 GSH D . 1.82 -3.44 4.77
CA1 GSH D . 2.17 -4.29 5.96
C1 GSH D . 3.51 -3.91 6.54
O11 GSH D . 4.43 -3.52 5.79
O12 GSH D . 3.67 -4.00 7.79
CB1 GSH D . 2.12 -5.78 5.56
CG1 GSH D . 2.06 -6.66 6.79
CD1 GSH D . 1.87 -8.12 6.36
OE1 GSH D . 0.99 -8.44 5.57
N2 GSH D . 2.70 -9.02 6.89
CA2 GSH D . 2.63 -10.45 6.61
C2 GSH D . 1.69 -11.16 7.53
O2 GSH D . 1.68 -10.92 8.73
CB2 GSH D . 4.01 -11.06 6.81
SG2 GSH D . 5.16 -10.47 5.58
N3 GSH D . 0.92 -12.08 6.96
CA3 GSH D . 0.11 -13.00 7.71
C3 GSH D . -1.35 -12.94 7.34
O31 GSH D . -1.76 -12.06 6.54
O32 GSH D . -2.11 -13.79 7.84
C2 UNL E . 4.35 -17.33 6.12
C3 UNL E . 2.98 -17.04 6.07
C4 UNL E . 2.50 -15.84 5.53
C10 UNL E . 3.39 -14.91 5.02
C5 UNL E . 2.98 -13.61 4.40
N UNL E . 1.67 -13.21 4.29
C9 UNL E . 4.85 -15.24 5.05
C1 UNL E . 5.29 -16.43 5.62
C8 UNL E . 5.77 -14.32 4.55
C7 UNL E . 5.34 -13.12 4.00
C6 UNL E . 3.98 -12.77 3.92
C FMT F . 3.13 -10.95 -0.36
O1 FMT F . 3.18 -11.92 -1.11
O2 FMT F . 4.15 -10.66 0.44
#